data_1V0P
#
_entry.id   1V0P
#
_cell.length_a   222.640
_cell.length_b   44.361
_cell.length_c   63.762
_cell.angle_alpha   90.00
_cell.angle_beta   103.19
_cell.angle_gamma   90.00
#
_symmetry.space_group_name_H-M   'C 1 2 1'
#
loop_
_entity.id
_entity.type
_entity.pdbx_description
1 polymer 'CELL DIVISION CONTROL PROTEIN 2 HOMOLOG'
2 non-polymer 'PURVALANOL B'
3 water water
#
_entity_poly.entity_id   1
_entity_poly.type   'polypeptide(L)'
_entity_poly.pdbx_seq_one_letter_code
;MEKYHGLEKIGEGTYGVVYKAQNNYGETFALKKIRLEKEDEGIPSTTIREISILKELKHSNIVKLYDVIHTKKRLVLVFE
HLDQDLKKLLDVCEGGLESVTAKSFLLQLLNGIAYCHDRRVLHRDLKPQNLLINREGELKIADFGLARAFGIPVRKYTHE
IVTLWYRAPDVLMGSKKYSTTIDIWSVGCIFAEMVNGTPLFPGVSEADQLMRIFRILGTPNSKNWPNVTELPKYDPNFTV
YEPLPWESFLKGLDESGIDLLSKMLKLDPNQRITAKQALEHAYFKENN
;
_entity_poly.pdbx_strand_id   A,B
#
# COMPACT_ATOMS: atom_id res chain seq x y z
N MET A 1 -7.91 -6.04 25.77
CA MET A 1 -7.85 -4.53 25.85
C MET A 1 -7.55 -4.02 27.27
N GLU A 2 -6.91 -4.90 28.07
CA GLU A 2 -6.47 -4.69 29.47
C GLU A 2 -7.13 -3.59 30.33
N LYS A 3 -8.43 -3.34 30.08
CA LYS A 3 -9.16 -2.27 30.78
C LYS A 3 -8.48 -0.87 30.73
N TYR A 4 -8.61 -0.22 29.58
CA TYR A 4 -8.29 1.19 29.39
C TYR A 4 -9.56 1.93 29.00
N HIS A 5 -9.62 3.23 29.28
CA HIS A 5 -10.74 4.07 28.82
C HIS A 5 -10.34 5.46 28.32
N GLY A 6 -11.31 6.16 27.73
CA GLY A 6 -11.14 7.50 27.24
C GLY A 6 -10.14 7.48 26.12
N LEU A 7 -10.31 6.54 25.19
CA LEU A 7 -9.41 6.36 24.09
C LEU A 7 -9.54 7.55 23.18
N GLU A 8 -8.45 8.31 23.11
CA GLU A 8 -8.45 9.48 22.29
C GLU A 8 -7.41 9.32 21.16
N LYS A 9 -7.87 9.27 19.92
CA LYS A 9 -6.95 9.08 18.79
C LYS A 9 -5.94 10.25 18.67
N ILE A 10 -4.64 9.98 18.85
CA ILE A 10 -3.63 11.00 18.61
C ILE A 10 -3.41 11.13 17.11
N GLY A 11 -3.38 10.00 16.41
CA GLY A 11 -3.22 10.01 14.97
C GLY A 11 -2.71 8.70 14.45
N GLU A 12 -2.34 8.71 13.18
CA GLU A 12 -1.89 7.52 12.47
C GLU A 12 -0.34 7.41 12.45
N GLY A 13 0.24 6.50 13.25
CA GLY A 13 1.68 6.37 13.28
C GLY A 13 2.20 5.36 12.27
N THR A 14 3.50 5.13 12.31
CA THR A 14 4.17 4.19 11.36
C THR A 14 3.56 2.78 11.14
N TYR A 15 3.32 2.06 12.25
CA TYR A 15 2.76 0.71 12.24
C TYR A 15 1.31 0.65 12.71
N GLY A 16 0.67 1.80 12.92
CA GLY A 16 -0.69 1.77 13.46
C GLY A 16 -1.17 3.05 14.08
N VAL A 17 -2.38 3.01 14.59
CA VAL A 17 -2.98 4.22 15.11
C VAL A 17 -2.63 4.27 16.61
N VAL A 18 -2.36 5.49 17.09
CA VAL A 18 -1.96 5.75 18.47
C VAL A 18 -3.10 6.53 19.11
N TYR A 19 -3.44 6.11 20.32
CA TYR A 19 -4.46 6.73 21.17
C TYR A 19 -3.82 7.05 22.49
N LYS A 20 -4.20 8.20 23.04
CA LYS A 20 -3.94 8.51 24.42
C LYS A 20 -5.06 7.80 25.19
N ALA A 21 -4.77 7.25 26.35
CA ALA A 21 -5.87 6.65 27.12
C ALA A 21 -5.51 6.75 28.56
N GLN A 22 -6.46 6.42 29.43
CA GLN A 22 -6.11 6.14 30.83
C GLN A 22 -6.47 4.73 31.20
N ASN A 23 -5.74 4.18 32.16
CA ASN A 23 -6.11 2.90 32.73
C ASN A 23 -7.28 3.08 33.70
N ASN A 24 -7.71 1.97 34.31
CA ASN A 24 -8.71 2.05 35.39
C ASN A 24 -8.18 2.69 36.69
N TYR A 25 -6.87 2.92 36.78
CA TYR A 25 -6.22 3.61 37.90
C TYR A 25 -6.08 5.12 37.63
N GLY A 26 -6.51 5.52 36.44
CA GLY A 26 -6.45 6.90 35.97
C GLY A 26 -5.09 7.44 35.52
N GLU A 27 -4.08 6.58 35.32
CA GLU A 27 -2.76 7.07 34.77
C GLU A 27 -2.78 7.13 33.21
N THR A 28 -2.07 8.10 32.63
CA THR A 28 -1.99 8.27 31.15
C THR A 28 -0.93 7.43 30.38
N PHE A 29 -1.42 6.78 29.33
CA PHE A 29 -0.65 5.92 28.41
C PHE A 29 -0.92 6.22 26.94
N ALA A 30 0.02 5.79 26.09
CA ALA A 30 -0.17 5.80 24.66
C ALA A 30 -0.33 4.36 24.14
N LEU A 31 -1.43 4.10 23.46
CA LEU A 31 -1.73 2.76 22.95
C LEU A 31 -1.45 2.73 21.45
N LYS A 32 -0.64 1.81 20.99
CA LYS A 32 -0.48 1.71 19.57
C LYS A 32 -1.18 0.42 19.10
N LYS A 33 -2.28 0.58 18.36
CA LYS A 33 -2.98 -0.58 17.75
C LYS A 33 -2.34 -0.97 16.40
N ILE A 34 -1.59 -2.08 16.40
CA ILE A 34 -0.89 -2.49 15.16
C ILE A 34 -1.80 -2.82 13.96
N ARG A 35 -1.57 -2.10 12.86
CA ARG A 35 -2.30 -2.26 11.60
C ARG A 35 -1.81 -3.54 10.93
N LEU A 36 -2.73 -4.45 10.63
CA LEU A 36 -2.35 -5.72 10.02
C LEU A 36 -2.79 -5.71 8.59
N GLU A 37 -1.84 -5.66 7.66
CA GLU A 37 -2.17 -5.66 6.25
C GLU A 37 -3.06 -6.85 5.84
N LYS A 38 -2.75 -8.04 6.34
CA LYS A 38 -3.58 -9.22 6.08
C LYS A 38 -4.21 -9.71 7.38
N GLU A 39 -5.43 -9.26 7.64
CA GLU A 39 -6.13 -9.48 8.92
C GLU A 39 -6.16 -10.95 9.32
N ASP A 40 -6.31 -11.79 8.30
CA ASP A 40 -6.45 -13.22 8.47
C ASP A 40 -5.16 -13.99 8.82
N GLU A 41 -4.03 -13.42 8.46
CA GLU A 41 -2.75 -14.14 8.56
C GLU A 41 -2.36 -14.57 9.98
N GLY A 42 -2.65 -13.68 10.93
CA GLY A 42 -2.34 -13.91 12.33
C GLY A 42 -0.90 -13.51 12.65
N ILE A 43 -0.62 -13.12 13.89
CA ILE A 43 0.78 -12.79 14.29
C ILE A 43 1.49 -13.99 14.91
N PRO A 44 2.58 -14.44 14.30
CA PRO A 44 3.31 -15.61 14.82
C PRO A 44 3.96 -15.36 16.16
N SER A 45 4.23 -16.44 16.87
CA SER A 45 4.76 -16.33 18.22
C SER A 45 6.16 -15.71 18.24
N THR A 46 6.98 -15.98 17.23
CA THR A 46 8.29 -15.36 17.12
C THR A 46 8.24 -13.80 17.11
N THR A 47 7.17 -13.24 16.54
CA THR A 47 7.00 -11.80 16.42
C THR A 47 6.64 -11.25 17.76
N ILE A 48 5.71 -11.89 18.44
CA ILE A 48 5.32 -11.48 19.78
C ILE A 48 6.54 -11.49 20.72
N ARG A 49 7.39 -12.50 20.58
CA ARG A 49 8.65 -12.60 21.33
C ARG A 49 9.58 -11.48 20.98
N GLU A 50 9.71 -11.14 19.68
CA GLU A 50 10.63 -10.05 19.31
C GLU A 50 10.16 -8.67 19.83
N ILE A 51 8.85 -8.43 19.91
CA ILE A 51 8.34 -7.20 20.47
C ILE A 51 8.50 -7.17 22.00
N SER A 52 8.19 -8.27 22.66
CA SER A 52 8.19 -8.30 24.11
C SER A 52 9.59 -8.10 24.70
N ILE A 53 10.64 -8.56 23.99
CA ILE A 53 12.00 -8.33 24.46
C ILE A 53 12.28 -6.81 24.61
N LEU A 54 11.47 -5.97 23.95
CA LEU A 54 11.70 -4.52 23.96
C LEU A 54 11.25 -3.86 25.27
N LYS A 55 10.48 -4.61 26.06
CA LYS A 55 10.25 -4.24 27.46
C LYS A 55 11.54 -4.07 28.27
N GLU A 56 12.58 -4.82 27.89
CA GLU A 56 13.92 -4.69 28.51
C GLU A 56 14.67 -3.36 28.21
N LEU A 57 14.21 -2.58 27.23
CA LEU A 57 14.77 -1.26 26.94
C LEU A 57 14.34 -0.15 27.89
N LYS A 58 15.23 0.14 28.85
CA LYS A 58 14.91 1.03 29.97
C LYS A 58 15.98 2.06 30.03
N HIS A 59 15.64 3.23 29.56
CA HIS A 59 16.61 4.27 29.36
C HIS A 59 15.78 5.53 29.33
N SER A 60 16.32 6.60 29.90
CA SER A 60 15.60 7.81 29.95
C SER A 60 15.27 8.44 28.57
N ASN A 61 15.97 8.05 27.50
CA ASN A 61 15.66 8.59 26.18
C ASN A 61 15.05 7.59 25.18
N ILE A 62 14.56 6.47 25.71
CA ILE A 62 13.81 5.46 24.95
C ILE A 62 12.38 5.41 25.54
N VAL A 63 11.36 5.61 24.71
CA VAL A 63 9.95 5.42 25.13
C VAL A 63 9.77 4.04 25.80
N LYS A 64 9.24 4.03 27.03
CA LYS A 64 9.10 2.79 27.77
C LYS A 64 7.94 1.90 27.21
N LEU A 65 8.18 0.62 26.93
CA LEU A 65 7.07 -0.27 26.57
C LEU A 65 6.60 -0.95 27.85
N TYR A 66 5.35 -0.71 28.24
CA TYR A 66 4.78 -1.36 29.44
C TYR A 66 4.18 -2.75 29.17
N ASP A 67 3.48 -2.90 28.05
CA ASP A 67 2.65 -4.11 27.87
C ASP A 67 2.43 -4.43 26.40
N VAL A 68 2.20 -5.72 26.15
CA VAL A 68 1.95 -6.21 24.82
C VAL A 68 0.62 -6.98 24.82
N ILE A 69 -0.43 -6.34 24.30
CA ILE A 69 -1.76 -6.94 24.36
C ILE A 69 -2.16 -7.60 23.04
N HIS A 70 -2.25 -8.92 23.13
CA HIS A 70 -2.50 -9.79 21.97
C HIS A 70 -3.79 -10.58 22.20
N THR A 71 -4.89 -10.13 21.59
CA THR A 71 -6.18 -10.87 21.63
C THR A 71 -6.91 -10.84 20.30
N LYS A 72 -6.98 -12.00 19.63
CA LYS A 72 -7.88 -12.27 18.48
C LYS A 72 -7.64 -11.48 17.16
N LYS A 73 -6.51 -11.71 16.49
CA LYS A 73 -6.11 -10.89 15.33
C LYS A 73 -6.11 -9.36 15.63
N ARG A 74 -5.67 -9.01 16.84
CA ARG A 74 -5.68 -7.63 17.32
C ARG A 74 -4.41 -7.46 18.16
N LEU A 75 -3.60 -6.45 17.88
CA LEU A 75 -2.34 -6.28 18.60
C LEU A 75 -2.12 -4.84 19.05
N VAL A 76 -2.09 -4.66 20.39
CA VAL A 76 -1.97 -3.35 21.02
C VAL A 76 -0.72 -3.26 21.93
N LEU A 77 0.06 -2.19 21.75
CA LEU A 77 1.27 -1.94 22.54
C LEU A 77 0.99 -0.75 23.42
N VAL A 78 1.25 -0.92 24.70
CA VAL A 78 1.02 0.11 25.70
C VAL A 78 2.38 0.78 26.03
N PHE A 79 2.52 2.06 25.74
CA PHE A 79 3.75 2.82 25.93
C PHE A 79 3.50 3.98 26.89
N GLU A 80 4.55 4.63 27.40
CA GLU A 80 4.33 5.95 28.08
C GLU A 80 3.91 6.95 27.02
N HIS A 81 3.30 8.06 27.48
CA HIS A 81 2.70 9.04 26.59
C HIS A 81 3.59 10.28 26.65
N LEU A 82 3.85 10.88 25.50
CA LEU A 82 4.55 12.14 25.51
C LEU A 82 3.74 13.14 24.76
N ASP A 83 3.98 14.41 25.03
CA ASP A 83 2.97 15.34 24.60
C ASP A 83 3.11 15.87 23.18
N GLN A 84 4.26 15.62 22.54
CA GLN A 84 4.53 16.23 21.24
C GLN A 84 5.59 15.43 20.50
N ASP A 85 5.72 15.65 19.20
CA ASP A 85 6.88 15.09 18.50
C ASP A 85 7.74 16.25 17.98
N LEU A 86 9.00 15.96 17.62
CA LEU A 86 9.93 17.01 17.15
C LEU A 86 9.44 17.63 15.85
N LYS A 87 8.73 16.86 15.05
CA LYS A 87 8.17 17.39 13.82
C LYS A 87 7.19 18.55 14.13
N LYS A 88 6.31 18.35 15.11
CA LYS A 88 5.32 19.36 15.43
C LYS A 88 5.97 20.62 16.02
N LEU A 89 7.00 20.48 16.86
CA LEU A 89 7.83 21.62 17.30
C LEU A 89 8.58 22.33 16.17
N LEU A 90 9.31 21.57 15.34
CA LEU A 90 9.96 22.17 14.17
C LEU A 90 9.00 22.92 13.24
N ASP A 91 7.77 22.41 13.07
CA ASP A 91 6.74 23.13 12.29
C ASP A 91 6.41 24.56 12.77
N VAL A 92 6.62 24.87 14.05
CA VAL A 92 6.37 26.24 14.45
C VAL A 92 7.60 26.97 14.91
N CYS A 93 8.79 26.46 14.55
CA CYS A 93 10.05 27.15 14.83
C CYS A 93 10.75 27.70 13.54
N GLU A 94 10.37 28.88 13.09
CA GLU A 94 10.93 29.41 11.84
C GLU A 94 12.43 29.41 11.87
N GLY A 95 13.07 28.81 10.87
CA GLY A 95 14.50 28.91 10.77
C GLY A 95 15.17 27.77 11.51
N GLY A 96 14.40 27.04 12.30
CA GLY A 96 14.95 25.99 13.14
C GLY A 96 15.04 26.37 14.60
N LEU A 97 15.74 25.52 15.33
CA LEU A 97 15.85 25.61 16.77
C LEU A 97 17.07 26.44 17.09
N GLU A 98 17.03 27.00 18.30
CA GLU A 98 18.19 27.67 18.91
C GLU A 98 19.29 26.64 19.09
N SER A 99 20.53 27.09 18.98
CA SER A 99 21.66 26.18 19.04
C SER A 99 21.67 25.32 20.33
N VAL A 100 21.35 25.94 21.47
CA VAL A 100 21.37 25.23 22.74
C VAL A 100 20.31 24.11 22.78
N THR A 101 19.15 24.38 22.17
CA THR A 101 18.09 23.36 22.08
C THR A 101 18.48 22.17 21.18
N ALA A 102 19.01 22.45 20.00
CA ALA A 102 19.40 21.39 19.04
C ALA A 102 20.46 20.53 19.61
N LYS A 103 21.40 21.15 20.34
CA LYS A 103 22.45 20.40 21.01
C LYS A 103 21.89 19.55 22.12
N SER A 104 20.89 20.06 22.82
CA SER A 104 20.35 19.30 23.93
C SER A 104 19.59 18.10 23.31
N PHE A 105 18.80 18.34 22.26
CA PHE A 105 18.07 17.19 21.62
C PHE A 105 18.99 16.12 20.95
N LEU A 106 20.00 16.56 20.22
CA LEU A 106 21.02 15.66 19.69
C LEU A 106 21.71 14.82 20.77
N LEU A 107 22.10 15.44 21.87
CA LEU A 107 22.71 14.69 22.95
C LEU A 107 21.79 13.59 23.47
N GLN A 108 20.53 13.94 23.68
CA GLN A 108 19.59 12.94 24.19
C GLN A 108 19.34 11.83 23.13
N LEU A 109 19.25 12.21 21.88
CA LEU A 109 19.00 11.25 20.81
C LEU A 109 20.14 10.21 20.73
N LEU A 110 21.36 10.74 20.79
CA LEU A 110 22.55 9.88 20.70
C LEU A 110 22.69 9.01 21.94
N ASN A 111 22.30 9.56 23.11
CA ASN A 111 22.35 8.70 24.28
C ASN A 111 21.43 7.49 24.10
N GLY A 112 20.21 7.74 23.57
CA GLY A 112 19.20 6.66 23.51
C GLY A 112 19.63 5.65 22.48
N ILE A 113 20.13 6.15 21.36
CA ILE A 113 20.72 5.30 20.34
C ILE A 113 21.97 4.49 20.84
N ALA A 114 22.90 5.14 21.53
CA ALA A 114 24.04 4.39 22.09
C ALA A 114 23.61 3.15 22.95
N TYR A 115 22.62 3.40 23.79
CA TYR A 115 22.03 2.40 24.69
C TYR A 115 21.49 1.16 23.89
N CYS A 116 20.64 1.42 22.89
CA CYS A 116 20.09 0.35 22.00
C CYS A 116 21.15 -0.37 21.14
N HIS A 117 22.00 0.42 20.49
CA HIS A 117 23.15 -0.12 19.77
C HIS A 117 23.98 -1.08 20.63
N ASP A 118 24.25 -0.74 21.90
CA ASP A 118 25.03 -1.64 22.77
C ASP A 118 24.34 -2.99 22.95
N ARG A 119 23.02 -2.99 22.85
CA ARG A 119 22.22 -4.22 22.91
C ARG A 119 21.88 -4.82 21.54
N ARG A 120 22.48 -4.28 20.45
CA ARG A 120 22.24 -4.83 19.11
C ARG A 120 20.77 -4.65 18.70
N VAL A 121 20.15 -3.59 19.21
CA VAL A 121 18.82 -3.15 18.76
C VAL A 121 18.98 -1.99 17.76
N LEU A 122 18.47 -2.16 16.55
CA LEU A 122 18.51 -1.09 15.52
C LEU A 122 17.16 -0.42 15.39
N HIS A 123 17.18 0.82 14.91
CA HIS A 123 15.91 1.50 14.65
C HIS A 123 15.59 1.37 13.14
N ARG A 124 16.44 2.01 12.31
CA ARG A 124 16.41 1.99 10.83
C ARG A 124 15.34 2.91 10.21
N ASP A 125 14.52 3.56 11.03
CA ASP A 125 13.53 4.51 10.53
C ASP A 125 13.39 5.75 11.41
N LEU A 126 14.52 6.18 11.95
CA LEU A 126 14.55 7.44 12.69
C LEU A 126 14.04 8.60 11.83
N LYS A 127 13.16 9.41 12.43
CA LYS A 127 12.63 10.61 11.75
C LYS A 127 12.06 11.53 12.85
N PRO A 128 11.86 12.81 12.57
CA PRO A 128 11.37 13.72 13.62
C PRO A 128 10.01 13.21 14.17
N GLN A 129 9.19 12.49 13.39
CA GLN A 129 7.92 11.95 13.92
C GLN A 129 8.09 10.93 15.03
N ASN A 130 9.25 10.31 15.18
CA ASN A 130 9.40 9.36 16.25
C ASN A 130 10.38 9.79 17.37
N LEU A 131 10.68 11.06 17.37
CA LEU A 131 11.45 11.68 18.40
C LEU A 131 10.43 12.46 19.23
N LEU A 132 10.05 11.94 20.38
CA LEU A 132 8.95 12.48 21.16
C LEU A 132 9.54 13.38 22.24
N ILE A 133 8.82 14.43 22.59
CA ILE A 133 9.35 15.53 23.44
C ILE A 133 8.29 15.86 24.51
N ASN A 134 8.70 15.85 25.79
CA ASN A 134 7.82 16.30 26.86
C ASN A 134 8.02 17.80 27.18
N ARG A 135 7.27 18.35 28.15
CA ARG A 135 7.29 19.80 28.42
C ARG A 135 8.52 20.22 29.22
N GLU A 136 9.16 19.26 29.86
CA GLU A 136 10.44 19.48 30.54
C GLU A 136 11.65 19.52 29.54
N GLY A 137 11.38 19.37 28.26
CA GLY A 137 12.45 19.34 27.26
C GLY A 137 13.17 17.99 27.13
N GLU A 138 12.54 16.90 27.58
CA GLU A 138 13.20 15.59 27.49
C GLU A 138 12.79 14.96 26.16
N LEU A 139 13.75 14.37 25.46
CA LEU A 139 13.51 13.76 24.15
C LEU A 139 13.48 12.25 24.35
N LYS A 140 12.47 11.58 23.86
CA LYS A 140 12.56 10.11 23.87
C LYS A 140 12.19 9.52 22.50
N ILE A 141 12.92 8.49 22.11
CA ILE A 141 12.75 7.85 20.82
C ILE A 141 11.66 6.76 20.86
N ALA A 142 10.77 6.76 19.87
CA ALA A 142 9.70 5.72 19.72
C ALA A 142 10.05 4.74 18.60
N ASP A 143 9.64 3.49 18.72
CA ASP A 143 9.67 2.50 17.64
C ASP A 143 11.04 1.83 17.49
N PHE A 144 11.97 2.09 18.41
CA PHE A 144 13.26 1.38 18.35
C PHE A 144 13.04 -0.13 18.46
N GLY A 145 13.62 -0.92 17.54
CA GLY A 145 13.43 -2.37 17.55
C GLY A 145 12.22 -2.91 16.77
N LEU A 146 11.30 -2.03 16.39
CA LEU A 146 10.08 -2.49 15.72
C LEU A 146 10.31 -2.91 14.26
N ALA A 147 11.28 -2.29 13.60
CA ALA A 147 11.61 -2.69 12.21
C ALA A 147 12.05 -4.18 12.13
N ARG A 148 12.73 -4.69 13.15
CA ARG A 148 13.03 -6.12 13.20
C ARG A 148 11.75 -6.98 13.27
N ALA A 149 10.72 -6.53 13.98
CA ALA A 149 9.44 -7.28 14.06
C ALA A 149 8.56 -7.15 12.82
N PHE A 150 8.49 -5.93 12.26
CA PHE A 150 7.56 -5.56 11.19
C PHE A 150 8.19 -5.14 9.82
N GLY A 151 9.51 -4.99 9.72
CA GLY A 151 10.08 -4.63 8.42
C GLY A 151 10.18 -3.12 8.33
N ILE A 161 4.04 8.29 0.12
CA ILE A 161 3.59 7.40 1.20
C ILE A 161 4.72 7.08 2.19
N VAL A 162 5.91 6.76 1.65
CA VAL A 162 7.05 6.26 2.43
C VAL A 162 8.06 7.40 2.57
N THR A 163 8.45 7.76 3.78
CA THR A 163 9.49 8.82 3.83
C THR A 163 10.89 8.21 3.67
N LEU A 164 11.58 8.67 2.65
CA LEU A 164 12.93 8.24 2.29
C LEU A 164 13.97 9.25 2.82
N TRP A 165 13.52 10.36 3.41
CA TRP A 165 14.42 11.52 3.62
C TRP A 165 15.61 11.25 4.55
N TYR A 166 15.46 10.24 5.42
CA TYR A 166 16.45 9.90 6.49
C TYR A 166 17.26 8.62 6.16
N ARG A 167 17.07 8.07 4.96
CA ARG A 167 17.72 6.79 4.57
C ARG A 167 19.09 6.95 3.97
N ALA A 168 20.02 6.17 4.51
CA ALA A 168 21.41 6.18 4.10
C ALA A 168 21.57 5.75 2.62
N PRO A 169 22.52 6.34 1.88
CA PRO A 169 22.66 6.01 0.46
C PRO A 169 22.94 4.51 0.23
N ASP A 170 23.66 3.79 1.11
CA ASP A 170 23.86 2.36 0.89
C ASP A 170 22.52 1.59 0.99
N VAL A 171 21.59 2.05 1.83
CA VAL A 171 20.31 1.38 2.01
C VAL A 171 19.46 1.66 0.76
N LEU A 172 19.52 2.89 0.29
CA LEU A 172 18.84 3.24 -0.95
C LEU A 172 19.38 2.45 -2.16
N MET A 173 20.67 2.10 -2.15
CA MET A 173 21.22 1.27 -3.23
C MET A 173 21.08 -0.24 -3.02
N GLY A 174 20.30 -0.64 -2.03
CA GLY A 174 19.94 -2.02 -1.85
C GLY A 174 20.71 -2.79 -0.80
N SER A 175 21.47 -2.11 0.08
CA SER A 175 22.12 -2.88 1.12
C SER A 175 21.09 -3.42 2.12
N LYS A 176 21.32 -4.62 2.64
CA LYS A 176 20.36 -5.28 3.52
C LYS A 176 21.00 -5.74 4.80
N LYS A 177 22.31 -5.60 4.92
CA LYS A 177 23.00 -6.09 6.12
C LYS A 177 22.53 -5.38 7.43
N TYR A 178 22.57 -6.14 8.54
CA TYR A 178 22.49 -5.59 9.89
C TYR A 178 23.58 -4.53 10.06
N SER A 179 23.22 -3.29 10.37
CA SER A 179 24.24 -2.30 10.66
C SER A 179 23.75 -1.13 11.51
N THR A 180 24.54 -0.80 12.52
CA THR A 180 24.27 0.39 13.31
C THR A 180 24.50 1.70 12.54
N THR A 181 25.28 1.66 11.46
CA THR A 181 25.64 2.89 10.74
C THR A 181 24.42 3.62 10.18
N ILE A 182 23.36 2.89 9.92
CA ILE A 182 22.21 3.40 9.23
C ILE A 182 21.47 4.43 10.12
N ASP A 183 21.42 4.16 11.41
CA ASP A 183 20.81 5.12 12.29
C ASP A 183 21.61 6.39 12.42
N ILE A 184 22.94 6.29 12.33
CA ILE A 184 23.78 7.52 12.46
C ILE A 184 23.60 8.48 11.28
N TRP A 185 23.47 7.93 10.06
CA TRP A 185 23.07 8.78 8.93
C TRP A 185 21.80 9.56 9.23
N SER A 186 20.76 8.85 9.65
CA SER A 186 19.52 9.53 9.98
C SER A 186 19.74 10.60 11.05
N VAL A 187 20.56 10.35 12.08
CA VAL A 187 20.81 11.43 13.07
C VAL A 187 21.44 12.66 12.39
N GLY A 188 22.42 12.46 11.50
CA GLY A 188 23.05 13.59 10.82
C GLY A 188 21.99 14.40 10.04
N CYS A 189 21.05 13.72 9.41
CA CYS A 189 19.99 14.41 8.60
C CYS A 189 19.05 15.21 9.53
N ILE A 190 18.79 14.66 10.70
CA ILE A 190 17.91 15.29 11.71
C ILE A 190 18.59 16.47 12.38
N PHE A 191 19.87 16.31 12.67
CA PHE A 191 20.72 17.43 13.17
C PHE A 191 20.66 18.65 12.27
N ALA A 192 21.06 18.49 11.01
CA ALA A 192 20.89 19.54 9.98
C ALA A 192 19.46 20.12 9.89
N GLU A 193 18.43 19.28 9.90
CA GLU A 193 17.03 19.77 9.91
C GLU A 193 16.77 20.67 11.13
N MET A 194 17.22 20.26 12.32
CA MET A 194 17.00 21.07 13.52
C MET A 194 17.71 22.43 13.42
N VAL A 195 18.90 22.50 12.83
CA VAL A 195 19.56 23.80 12.70
C VAL A 195 19.11 24.66 11.49
N ASN A 196 18.73 24.04 10.39
CA ASN A 196 18.31 24.78 9.17
C ASN A 196 16.82 25.13 9.15
N GLY A 197 16.00 24.43 9.94
CA GLY A 197 14.56 24.53 9.95
C GLY A 197 13.98 23.41 9.09
N THR A 198 14.52 23.34 7.85
CA THR A 198 14.05 22.60 6.67
C THR A 198 14.78 21.27 6.45
N PRO A 199 14.07 20.23 5.93
CA PRO A 199 14.79 18.95 5.77
C PRO A 199 15.97 19.06 4.83
N LEU A 200 17.05 18.36 5.11
CA LEU A 200 18.24 18.47 4.30
C LEU A 200 18.14 17.75 2.95
N PHE A 201 17.55 16.54 2.92
CA PHE A 201 17.43 15.82 1.66
C PHE A 201 15.96 15.35 1.45
N PRO A 202 15.04 16.26 1.13
CA PRO A 202 13.64 15.84 0.95
C PRO A 202 13.34 15.25 -0.44
N GLY A 203 13.77 14.01 -0.69
CA GLY A 203 13.60 13.32 -1.96
C GLY A 203 12.17 12.83 -2.24
N VAL A 204 11.79 12.72 -3.52
CA VAL A 204 10.41 12.29 -3.87
C VAL A 204 10.35 10.84 -4.33
N SER A 205 11.50 10.21 -4.49
CA SER A 205 11.60 8.81 -4.89
C SER A 205 13.01 8.38 -4.51
N GLU A 206 13.29 7.08 -4.67
CA GLU A 206 14.62 6.54 -4.37
C GLU A 206 15.67 7.19 -5.20
N ALA A 207 15.42 7.34 -6.49
CA ALA A 207 16.42 7.90 -7.38
C ALA A 207 16.61 9.38 -7.08
N ASP A 208 15.53 10.10 -6.80
CA ASP A 208 15.71 11.52 -6.49
C ASP A 208 16.39 11.77 -5.10
N GLN A 209 16.04 10.95 -4.12
CA GLN A 209 16.68 10.95 -2.80
C GLN A 209 18.20 10.79 -2.95
N LEU A 210 18.69 9.84 -3.73
CA LEU A 210 20.13 9.77 -3.98
C LEU A 210 20.69 10.99 -4.62
N MET A 211 19.93 11.53 -5.59
CA MET A 211 20.39 12.73 -6.29
C MET A 211 20.49 13.92 -5.33
N ARG A 212 19.52 14.05 -4.44
CA ARG A 212 19.58 15.17 -3.45
C ARG A 212 20.78 15.04 -2.57
N ILE A 213 21.10 13.81 -2.15
CA ILE A 213 22.26 13.58 -1.37
C ILE A 213 23.52 13.91 -2.14
N PHE A 214 23.69 13.35 -3.34
CA PHE A 214 24.93 13.50 -4.08
C PHE A 214 25.16 14.96 -4.49
N ARG A 215 24.09 15.67 -4.75
CA ARG A 215 24.22 17.08 -5.15
C ARG A 215 24.85 17.89 -4.03
N ILE A 216 24.67 17.46 -2.80
CA ILE A 216 25.24 18.25 -1.68
C ILE A 216 26.61 17.66 -1.29
N LEU A 217 26.67 16.33 -1.16
CA LEU A 217 27.85 15.68 -0.58
C LEU A 217 28.81 15.04 -1.58
N GLY A 218 28.40 14.99 -2.85
CA GLY A 218 29.31 14.52 -3.86
C GLY A 218 28.81 13.17 -4.27
N THR A 219 28.96 12.88 -5.53
CA THR A 219 28.70 11.54 -6.03
C THR A 219 29.82 10.63 -5.52
N PRO A 220 29.48 9.45 -5.04
CA PRO A 220 30.49 8.53 -4.51
C PRO A 220 31.24 7.89 -5.67
N ASN A 221 32.45 7.47 -5.39
CA ASN A 221 33.15 6.70 -6.38
C ASN A 221 34.09 5.72 -5.62
N SER A 222 34.78 4.86 -6.38
CA SER A 222 35.63 3.81 -5.80
C SER A 222 36.76 4.36 -4.96
N LYS A 223 37.10 5.63 -5.14
CA LYS A 223 38.13 6.26 -4.35
C LYS A 223 37.63 6.85 -3.02
N ASN A 224 36.42 7.43 -2.98
CA ASN A 224 35.96 8.01 -1.73
C ASN A 224 35.02 7.08 -0.98
N TRP A 225 34.67 5.98 -1.62
CA TRP A 225 33.88 4.96 -0.99
C TRP A 225 34.28 3.69 -1.68
N PRO A 226 35.35 3.06 -1.21
CA PRO A 226 35.82 1.78 -1.79
C PRO A 226 34.72 0.77 -1.78
N ASN A 227 34.61 -0.09 -2.79
CA ASN A 227 33.56 -1.08 -2.75
C ASN A 227 32.09 -0.60 -2.90
N VAL A 228 31.88 0.70 -3.05
CA VAL A 228 30.54 1.17 -3.49
C VAL A 228 29.98 0.41 -4.72
N THR A 229 30.84 0.01 -5.67
CA THR A 229 30.35 -0.65 -6.90
C THR A 229 29.69 -2.00 -6.62
N GLU A 230 29.81 -2.52 -5.39
CA GLU A 230 29.22 -3.80 -5.04
C GLU A 230 27.75 -3.73 -4.61
N LEU A 231 27.24 -2.54 -4.39
CA LEU A 231 25.84 -2.40 -3.99
C LEU A 231 24.94 -2.80 -5.17
N PRO A 232 23.85 -3.53 -4.91
CA PRO A 232 22.96 -4.00 -5.98
C PRO A 232 22.39 -2.92 -6.88
N LYS A 233 22.11 -1.71 -6.36
CA LYS A 233 21.54 -0.68 -7.22
C LYS A 233 22.53 0.43 -7.48
N TYR A 234 23.81 0.18 -7.24
CA TYR A 234 24.81 1.15 -7.68
C TYR A 234 24.65 1.32 -9.19
N ASP A 235 24.88 2.54 -9.66
CA ASP A 235 24.73 2.86 -11.06
C ASP A 235 25.96 3.57 -11.53
N PRO A 236 26.70 2.97 -12.47
CA PRO A 236 27.97 3.55 -12.94
C PRO A 236 27.70 4.84 -13.75
N ASN A 237 26.44 5.07 -14.14
CA ASN A 237 26.09 6.34 -14.81
C ASN A 237 25.57 7.51 -13.93
N PHE A 238 25.61 7.37 -12.60
CA PHE A 238 25.12 8.45 -11.73
C PHE A 238 25.73 9.74 -12.28
N THR A 239 24.98 10.83 -12.31
CA THR A 239 25.61 12.14 -12.58
C THR A 239 26.67 12.40 -11.56
N VAL A 240 27.74 13.09 -11.98
CA VAL A 240 28.90 13.39 -11.17
C VAL A 240 28.80 14.81 -10.64
N TYR A 241 28.84 14.93 -9.31
CA TYR A 241 28.64 16.18 -8.60
C TYR A 241 29.81 16.27 -7.68
N GLU A 242 30.38 17.46 -7.56
CA GLU A 242 31.40 17.72 -6.56
C GLU A 242 30.74 18.02 -5.18
N PRO A 243 31.40 17.68 -4.07
CA PRO A 243 30.91 18.09 -2.73
C PRO A 243 30.85 19.60 -2.56
N LEU A 244 29.79 20.12 -1.94
CA LEU A 244 29.75 21.54 -1.55
C LEU A 244 30.48 21.80 -0.20
N PRO A 245 31.03 22.99 0.05
CA PRO A 245 31.51 23.33 1.40
C PRO A 245 30.36 23.32 2.44
N TRP A 246 30.60 22.77 3.63
CA TRP A 246 29.57 22.54 4.66
C TRP A 246 28.93 23.84 5.12
N GLU A 247 29.76 24.85 5.34
CA GLU A 247 29.32 26.20 5.69
C GLU A 247 28.23 26.77 4.74
N SER A 248 28.15 26.28 3.51
CA SER A 248 27.23 26.84 2.50
C SER A 248 25.80 26.29 2.54
N PHE A 249 25.60 25.14 3.19
CA PHE A 249 24.22 24.60 3.29
C PHE A 249 23.87 24.35 4.77
N LEU A 250 24.77 24.77 5.65
CA LEU A 250 24.49 24.72 7.06
C LEU A 250 24.52 26.16 7.60
N LYS A 251 23.72 26.42 8.61
CA LYS A 251 23.70 27.75 9.18
C LYS A 251 23.57 27.57 10.69
N GLY A 252 23.99 28.59 11.44
CA GLY A 252 23.82 28.53 12.88
C GLY A 252 24.53 27.38 13.55
N LEU A 253 25.56 26.86 12.89
CA LEU A 253 26.41 25.84 13.49
C LEU A 253 27.86 26.32 13.55
N ASP A 254 28.46 26.28 14.72
CA ASP A 254 29.87 26.62 14.85
C ASP A 254 30.77 25.52 14.29
N GLU A 255 32.08 25.71 14.36
CA GLU A 255 33.06 24.79 13.76
C GLU A 255 32.97 23.32 14.22
N SER A 256 32.81 23.15 15.53
CA SER A 256 32.68 21.85 16.14
C SER A 256 31.40 21.12 15.66
N GLY A 257 30.29 21.85 15.58
CA GLY A 257 29.03 21.29 15.13
C GLY A 257 29.10 20.78 13.70
N ILE A 258 29.71 21.58 12.84
CA ILE A 258 29.92 21.18 11.44
C ILE A 258 30.81 19.95 11.35
N ASP A 259 31.91 20.00 12.09
CA ASP A 259 32.77 18.86 12.22
C ASP A 259 32.02 17.57 12.60
N LEU A 260 31.22 17.65 13.70
CA LEU A 260 30.45 16.49 14.15
C LEU A 260 29.49 16.03 13.03
N LEU A 261 28.76 16.99 12.46
CA LEU A 261 27.85 16.71 11.36
C LEU A 261 28.51 16.03 10.10
N SER A 262 29.70 16.51 9.73
CA SER A 262 30.49 15.92 8.67
C SER A 262 30.86 14.46 8.96
N LYS A 263 30.94 14.10 10.22
CA LYS A 263 31.29 12.71 10.55
C LYS A 263 30.10 11.79 10.44
N MET A 264 28.90 12.31 10.68
CA MET A 264 27.71 11.46 10.64
C MET A 264 27.29 11.31 9.21
N LEU A 265 27.54 12.32 8.40
CA LEU A 265 27.16 12.24 7.00
C LEU A 265 28.25 11.78 6.01
N LYS A 266 29.15 10.91 6.47
CA LYS A 266 30.12 10.22 5.62
C LYS A 266 29.27 9.22 4.86
N LEU A 267 29.50 9.14 3.53
CA LEU A 267 28.76 8.25 2.66
C LEU A 267 29.15 6.82 2.89
N ASP A 268 30.45 6.57 3.07
CA ASP A 268 30.96 5.23 3.35
C ASP A 268 30.61 4.88 4.79
N PRO A 269 29.77 3.86 4.98
CA PRO A 269 29.32 3.49 6.33
C PRO A 269 30.47 3.06 7.26
N ASN A 270 31.58 2.54 6.71
CA ASN A 270 32.70 2.05 7.51
C ASN A 270 33.48 3.23 8.10
N GLN A 271 33.33 4.42 7.54
CA GLN A 271 33.99 5.61 8.11
C GLN A 271 33.03 6.46 8.95
N ARG A 272 31.77 6.06 8.98
CA ARG A 272 30.78 6.87 9.70
C ARG A 272 31.01 6.83 11.23
N ILE A 273 30.89 7.98 11.90
CA ILE A 273 31.06 8.03 13.37
C ILE A 273 30.04 7.14 14.05
N THR A 274 30.37 6.49 15.18
CA THR A 274 29.35 5.75 15.94
C THR A 274 28.60 6.70 16.93
N ALA A 275 27.46 6.22 17.45
CA ALA A 275 26.77 6.99 18.52
C ALA A 275 27.70 7.39 19.71
N LYS A 276 28.44 6.42 20.26
CA LYS A 276 29.28 6.67 21.43
C LYS A 276 30.48 7.56 21.10
N GLN A 277 31.03 7.43 19.90
CA GLN A 277 32.04 8.33 19.45
C GLN A 277 31.44 9.72 19.35
N ALA A 278 30.20 9.86 18.84
CA ALA A 278 29.67 11.18 18.67
C ALA A 278 29.54 11.85 20.02
N LEU A 279 29.12 11.10 21.05
CA LEU A 279 28.94 11.66 22.39
C LEU A 279 30.26 12.21 23.02
N GLU A 280 31.43 11.69 22.56
CA GLU A 280 32.76 12.19 22.98
C GLU A 280 33.25 13.44 22.26
N HIS A 281 32.47 13.95 21.30
CA HIS A 281 32.99 14.94 20.37
C HIS A 281 33.04 16.30 21.09
N ALA A 282 34.02 17.13 20.76
CA ALA A 282 34.14 18.49 21.37
C ALA A 282 32.82 19.32 21.32
N TYR A 283 31.94 19.05 20.35
CA TYR A 283 30.71 19.82 20.22
C TYR A 283 29.93 19.80 21.53
N PHE A 284 29.97 18.67 22.25
CA PHE A 284 29.23 18.53 23.47
C PHE A 284 29.98 18.97 24.75
N LYS A 285 31.28 19.23 24.67
CA LYS A 285 31.98 19.77 25.83
C LYS A 285 31.58 21.24 26.00
N GLU A 286 31.39 21.93 24.89
CA GLU A 286 30.83 23.30 24.87
C GLU A 286 29.33 23.36 25.23
N GLU B 2 9.88 -0.53 -32.88
CA GLU B 2 9.83 -1.98 -32.54
C GLU B 2 9.41 -2.83 -33.75
N LYS B 3 9.06 -4.11 -33.54
CA LYS B 3 8.65 -5.00 -34.64
C LYS B 3 7.14 -4.91 -34.99
N TYR B 4 6.53 -3.76 -34.68
CA TYR B 4 5.10 -3.52 -34.87
C TYR B 4 4.81 -2.22 -35.64
N HIS B 5 4.36 -2.37 -36.88
CA HIS B 5 3.91 -1.24 -37.72
C HIS B 5 2.38 -1.16 -37.78
N GLY B 6 1.87 -0.21 -38.54
CA GLY B 6 0.44 -0.09 -38.80
C GLY B 6 -0.40 0.27 -37.59
N LEU B 7 0.21 0.98 -36.63
CA LEU B 7 -0.50 1.49 -35.45
C LEU B 7 -1.78 2.24 -35.82
N GLU B 8 -2.82 2.05 -35.01
CA GLU B 8 -4.14 2.60 -35.30
C GLU B 8 -5.00 2.56 -34.06
N LYS B 9 -5.41 3.73 -33.60
CA LYS B 9 -6.10 3.87 -32.33
C LYS B 9 -7.50 3.25 -32.35
N ILE B 10 -7.75 2.36 -31.39
CA ILE B 10 -9.09 1.81 -31.14
C ILE B 10 -9.81 2.71 -30.16
N GLY B 11 -9.10 3.10 -29.12
CA GLY B 11 -9.64 4.02 -28.15
C GLY B 11 -8.76 4.16 -26.94
N GLU B 12 -9.39 4.51 -25.82
CA GLU B 12 -8.72 4.60 -24.55
C GLU B 12 -9.33 3.59 -23.57
N GLY B 13 -8.47 2.96 -22.78
CA GLY B 13 -8.90 1.99 -21.79
C GLY B 13 -8.53 2.47 -20.42
N THR B 14 -8.51 1.54 -19.46
CA THR B 14 -8.29 1.89 -18.05
C THR B 14 -6.92 2.49 -17.77
N TYR B 15 -5.89 1.92 -18.38
CA TYR B 15 -4.52 2.34 -18.11
C TYR B 15 -3.90 3.03 -19.32
N GLY B 16 -4.74 3.43 -20.27
CA GLY B 16 -4.27 4.28 -21.34
C GLY B 16 -4.87 3.93 -22.66
N VAL B 17 -4.16 4.30 -23.71
CA VAL B 17 -4.67 4.27 -25.09
C VAL B 17 -4.31 2.93 -25.79
N VAL B 18 -5.32 2.35 -26.46
CA VAL B 18 -5.19 1.07 -27.14
C VAL B 18 -5.05 1.29 -28.65
N TYR B 19 -4.10 0.58 -29.26
CA TYR B 19 -3.94 0.54 -30.72
C TYR B 19 -4.06 -0.85 -31.32
N LYS B 20 -4.51 -0.95 -32.57
CA LYS B 20 -4.27 -2.18 -33.31
C LYS B 20 -2.97 -2.06 -34.15
N ALA B 21 -2.29 -3.18 -34.35
CA ALA B 21 -1.03 -3.22 -35.11
C ALA B 21 -0.76 -4.55 -35.76
N GLN B 22 0.22 -4.55 -36.66
CA GLN B 22 0.58 -5.77 -37.35
C GLN B 22 2.00 -6.21 -37.07
N ASN B 23 2.16 -7.52 -37.20
CA ASN B 23 3.44 -8.22 -37.30
C ASN B 23 4.06 -8.10 -38.70
N ASN B 24 5.32 -8.51 -38.81
CA ASN B 24 5.89 -8.87 -40.11
C ASN B 24 5.58 -10.31 -40.51
N TYR B 25 4.38 -10.78 -40.17
CA TYR B 25 3.90 -12.13 -40.53
C TYR B 25 2.40 -12.14 -40.84
N GLY B 26 1.85 -10.96 -41.16
CA GLY B 26 0.40 -10.82 -41.35
C GLY B 26 -0.45 -10.45 -40.11
N GLU B 27 0.00 -10.93 -38.93
CA GLU B 27 -0.79 -10.98 -37.69
C GLU B 27 -1.06 -9.65 -36.99
N THR B 28 -2.31 -9.49 -36.55
CA THR B 28 -2.77 -8.32 -35.83
C THR B 28 -2.70 -8.48 -34.30
N PHE B 29 -2.21 -7.43 -33.62
CA PHE B 29 -2.18 -7.39 -32.16
C PHE B 29 -2.83 -6.08 -31.67
N ALA B 30 -3.31 -6.09 -30.42
CA ALA B 30 -3.68 -4.87 -29.73
C ALA B 30 -2.53 -4.46 -28.81
N LEU B 31 -2.11 -3.21 -28.91
CA LEU B 31 -1.01 -2.70 -28.11
C LEU B 31 -1.60 -1.69 -27.17
N LYS B 32 -1.23 -1.73 -25.90
CA LYS B 32 -1.83 -0.82 -24.94
C LYS B 32 -0.87 0.30 -24.51
N PRO B 44 9.69 0.91 -12.97
CA PRO B 44 10.04 0.21 -11.73
C PRO B 44 10.02 -1.30 -11.93
N SER B 45 11.18 -1.93 -12.08
CA SER B 45 11.32 -3.37 -12.35
C SER B 45 10.33 -4.33 -11.64
N THR B 46 9.80 -3.90 -10.50
CA THR B 46 8.86 -4.70 -9.70
C THR B 46 7.42 -4.64 -10.24
N THR B 47 7.10 -3.55 -10.93
CA THR B 47 5.87 -3.46 -11.70
C THR B 47 6.04 -4.33 -12.95
N ILE B 48 7.19 -4.21 -13.62
CA ILE B 48 7.55 -5.12 -14.71
C ILE B 48 7.40 -6.58 -14.29
N ARG B 49 7.88 -6.91 -13.08
CA ARG B 49 7.80 -8.29 -12.58
C ARG B 49 6.36 -8.78 -12.50
N GLU B 50 5.50 -7.96 -11.90
CA GLU B 50 4.12 -8.34 -11.73
C GLU B 50 3.43 -8.55 -13.08
N ILE B 51 3.74 -7.69 -14.05
CA ILE B 51 3.14 -7.78 -15.40
C ILE B 51 3.65 -9.01 -16.18
N SER B 52 4.97 -9.15 -16.24
CA SER B 52 5.60 -10.20 -17.01
C SER B 52 5.05 -11.59 -16.65
N ILE B 53 4.78 -11.80 -15.37
CA ILE B 53 4.21 -13.02 -14.83
C ILE B 53 2.83 -13.35 -15.43
N LEU B 54 2.06 -12.30 -15.72
CA LEU B 54 0.77 -12.47 -16.33
C LEU B 54 0.84 -13.12 -17.76
N LYS B 55 2.04 -13.14 -18.40
CA LYS B 55 2.24 -13.87 -19.67
C LYS B 55 1.88 -15.33 -19.52
N GLU B 56 1.96 -15.87 -18.29
CA GLU B 56 1.70 -17.31 -18.10
C GLU B 56 0.20 -17.64 -18.05
N LEU B 57 -0.63 -16.60 -18.10
CA LEU B 57 -2.07 -16.80 -18.06
C LEU B 57 -2.52 -17.20 -19.43
N LYS B 58 -2.79 -18.49 -19.63
CA LYS B 58 -3.03 -19.01 -20.97
C LYS B 58 -4.32 -19.79 -20.90
N HIS B 59 -5.39 -19.15 -21.35
CA HIS B 59 -6.68 -19.77 -21.20
C HIS B 59 -7.50 -19.18 -22.32
N SER B 60 -8.38 -19.99 -22.92
CA SER B 60 -9.17 -19.55 -24.05
C SER B 60 -10.13 -18.41 -23.72
N ASN B 61 -10.49 -18.20 -22.43
CA ASN B 61 -11.33 -17.03 -22.08
C ASN B 61 -10.56 -15.82 -21.45
N ILE B 62 -9.24 -15.79 -21.65
CA ILE B 62 -8.37 -14.69 -21.13
C ILE B 62 -7.56 -14.08 -22.27
N VAL B 63 -7.63 -12.76 -22.47
CA VAL B 63 -6.85 -12.09 -23.52
C VAL B 63 -5.35 -12.39 -23.32
N LYS B 64 -4.69 -12.97 -24.32
CA LYS B 64 -3.28 -13.35 -24.17
C LYS B 64 -2.37 -12.13 -24.16
N LEU B 65 -1.47 -12.03 -23.19
CA LEU B 65 -0.40 -11.03 -23.26
C LEU B 65 0.87 -11.67 -23.88
N TYR B 66 1.34 -11.13 -25.00
CA TYR B 66 2.50 -11.68 -25.71
C TYR B 66 3.81 -11.04 -25.26
N ASP B 67 3.82 -9.75 -25.05
CA ASP B 67 5.09 -9.10 -24.85
C ASP B 67 4.88 -7.86 -24.05
N VAL B 68 5.90 -7.57 -23.25
CA VAL B 68 5.99 -6.34 -22.49
C VAL B 68 7.18 -5.59 -23.08
N ILE B 69 6.98 -4.34 -23.42
CA ILE B 69 8.04 -3.54 -24.05
C ILE B 69 8.24 -2.27 -23.24
N HIS B 70 9.42 -2.14 -22.65
CA HIS B 70 9.71 -1.03 -21.73
C HIS B 70 10.87 -0.11 -22.12
N THR B 71 10.71 1.18 -21.76
CA THR B 71 11.69 2.25 -21.93
C THR B 71 11.39 3.43 -20.98
N LEU B 75 5.80 2.46 -21.47
CA LEU B 75 5.55 1.00 -21.33
C LEU B 75 4.42 0.53 -22.21
N VAL B 76 4.69 -0.40 -23.13
CA VAL B 76 3.63 -0.90 -24.01
C VAL B 76 3.37 -2.39 -23.88
N LEU B 77 2.09 -2.75 -23.80
CA LEU B 77 1.71 -4.16 -23.63
C LEU B 77 1.11 -4.68 -24.90
N VAL B 78 1.64 -5.81 -25.34
CA VAL B 78 1.22 -6.41 -26.59
C VAL B 78 0.28 -7.57 -26.35
N PHE B 79 -0.98 -7.38 -26.74
CA PHE B 79 -2.04 -8.37 -26.53
C PHE B 79 -2.63 -8.93 -27.82
N GLU B 80 -3.24 -10.10 -27.65
CA GLU B 80 -4.33 -10.58 -28.47
C GLU B 80 -5.32 -9.46 -28.90
N HIS B 81 -5.78 -9.49 -30.15
CA HIS B 81 -6.71 -8.41 -30.56
C HIS B 81 -8.05 -9.04 -30.86
N LEU B 82 -9.11 -8.42 -30.34
CA LEU B 82 -10.46 -8.87 -30.61
C LEU B 82 -11.26 -7.72 -31.18
N ASP B 83 -12.32 -7.98 -31.92
CA ASP B 83 -12.88 -6.86 -32.67
C ASP B 83 -13.97 -6.03 -32.01
N GLN B 84 -14.51 -6.52 -30.88
CA GLN B 84 -15.75 -6.03 -30.32
C GLN B 84 -15.73 -6.21 -28.80
N ASP B 85 -16.54 -5.46 -28.06
CA ASP B 85 -16.66 -5.76 -26.63
C ASP B 85 -18.12 -5.95 -26.25
N LEU B 86 -18.37 -6.34 -25.01
CA LEU B 86 -19.73 -6.66 -24.61
C LEU B 86 -20.63 -5.42 -24.53
N LYS B 87 -20.07 -4.28 -24.10
CA LYS B 87 -20.79 -3.00 -24.06
C LYS B 87 -21.36 -2.70 -25.44
N LYS B 88 -20.52 -2.82 -26.46
CA LYS B 88 -20.93 -2.54 -27.83
C LYS B 88 -22.11 -3.44 -28.23
N LEU B 89 -22.02 -4.73 -27.91
CA LEU B 89 -23.13 -5.64 -28.18
C LEU B 89 -24.41 -5.29 -27.42
N LEU B 90 -24.27 -4.85 -26.18
CA LEU B 90 -25.44 -4.48 -25.39
C LEU B 90 -26.08 -3.20 -25.92
N ASP B 91 -25.24 -2.27 -26.38
CA ASP B 91 -25.65 -0.93 -26.84
C ASP B 91 -26.55 -1.03 -28.07
N VAL B 92 -26.30 -2.01 -28.94
CA VAL B 92 -27.04 -2.09 -30.19
C VAL B 92 -28.27 -2.89 -29.89
N CYS B 93 -28.10 -3.76 -28.88
CA CYS B 93 -29.13 -4.66 -28.43
C CYS B 93 -30.21 -3.92 -27.66
N GLU B 94 -31.45 -4.38 -27.87
CA GLU B 94 -32.65 -3.74 -27.32
C GLU B 94 -33.30 -4.69 -26.32
N GLY B 95 -33.29 -4.30 -25.04
CA GLY B 95 -33.89 -5.12 -23.99
C GLY B 95 -33.18 -6.40 -23.53
N GLY B 96 -31.86 -6.50 -23.76
CA GLY B 96 -31.14 -7.65 -23.27
C GLY B 96 -30.71 -8.57 -24.39
N LEU B 97 -29.92 -9.57 -24.05
CA LEU B 97 -29.44 -10.53 -25.05
C LEU B 97 -30.32 -11.77 -25.13
N GLU B 98 -30.24 -12.50 -26.24
CA GLU B 98 -30.89 -13.82 -26.31
C GLU B 98 -30.45 -14.59 -25.07
N SER B 99 -31.31 -15.45 -24.53
CA SER B 99 -30.93 -16.18 -23.31
C SER B 99 -29.79 -17.22 -23.51
N VAL B 100 -29.68 -17.76 -24.72
CA VAL B 100 -28.68 -18.76 -24.99
C VAL B 100 -27.31 -18.09 -25.11
N THR B 101 -27.31 -16.84 -25.59
CA THR B 101 -26.10 -16.07 -25.79
C THR B 101 -25.61 -15.58 -24.45
N ALA B 102 -26.53 -15.12 -23.61
CA ALA B 102 -26.15 -14.65 -22.29
C ALA B 102 -25.57 -15.80 -21.48
N LYS B 103 -26.11 -17.02 -21.64
CA LYS B 103 -25.68 -18.18 -20.84
C LYS B 103 -24.29 -18.55 -21.28
N SER B 104 -24.06 -18.53 -22.58
CA SER B 104 -22.78 -18.86 -23.16
C SER B 104 -21.67 -17.84 -22.71
N PHE B 105 -21.98 -16.55 -22.81
CA PHE B 105 -21.05 -15.53 -22.34
C PHE B 105 -20.74 -15.67 -20.83
N LEU B 106 -21.77 -15.86 -20.02
CA LEU B 106 -21.61 -16.13 -18.58
C LEU B 106 -20.68 -17.29 -18.28
N LEU B 107 -20.86 -18.43 -19.00
CA LEU B 107 -20.07 -19.62 -18.79
C LEU B 107 -18.60 -19.37 -19.15
N GLN B 108 -18.38 -18.74 -20.29
CA GLN B 108 -17.03 -18.39 -20.67
C GLN B 108 -16.40 -17.43 -19.67
N LEU B 109 -17.16 -16.43 -19.25
CA LEU B 109 -16.67 -15.48 -18.24
C LEU B 109 -16.22 -16.20 -16.95
N LEU B 110 -17.10 -17.08 -16.45
CA LEU B 110 -16.80 -17.82 -15.25
C LEU B 110 -15.55 -18.72 -15.40
N ASN B 111 -15.43 -19.41 -16.53
CA ASN B 111 -14.22 -20.20 -16.85
C ASN B 111 -12.92 -19.37 -16.77
N GLY B 112 -12.87 -18.24 -17.47
CA GLY B 112 -11.75 -17.32 -17.40
C GLY B 112 -11.48 -17.00 -15.95
N ILE B 113 -12.52 -16.64 -15.23
CA ILE B 113 -12.34 -16.27 -13.83
C ILE B 113 -11.76 -17.34 -12.93
N ALA B 114 -12.31 -18.52 -13.06
CA ALA B 114 -11.95 -19.63 -12.20
C ALA B 114 -10.48 -19.99 -12.43
N TYR B 115 -10.07 -19.97 -13.69
CA TYR B 115 -8.66 -20.21 -14.04
C TYR B 115 -7.71 -19.23 -13.32
N CYS B 116 -8.06 -17.95 -13.36
CA CYS B 116 -7.23 -16.92 -12.73
C CYS B 116 -7.32 -16.95 -11.21
N HIS B 117 -8.51 -17.18 -10.66
CA HIS B 117 -8.60 -17.23 -9.17
C HIS B 117 -7.78 -18.41 -8.58
N ASP B 118 -7.78 -19.54 -9.30
CA ASP B 118 -6.96 -20.70 -8.95
C ASP B 118 -5.48 -20.34 -8.84
N ARG B 119 -5.06 -19.31 -9.60
CA ARG B 119 -3.72 -18.75 -9.47
C ARG B 119 -3.59 -17.49 -8.60
N ARG B 120 -4.66 -17.09 -7.90
CA ARG B 120 -4.70 -15.90 -7.01
C ARG B 120 -4.43 -14.65 -7.79
N VAL B 121 -4.96 -14.62 -9.01
CA VAL B 121 -4.88 -13.44 -9.83
C VAL B 121 -6.29 -12.88 -9.81
N LEU B 122 -6.42 -11.64 -9.40
CA LEU B 122 -7.75 -11.01 -9.27
C LEU B 122 -7.92 -10.03 -10.37
N HIS B 123 -9.17 -9.77 -10.69
CA HIS B 123 -9.43 -8.67 -11.61
C HIS B 123 -9.73 -7.39 -10.81
N ARG B 124 -10.89 -7.36 -10.15
CA ARG B 124 -11.35 -6.24 -9.34
C ARG B 124 -11.97 -5.03 -10.07
N ASP B 125 -11.86 -5.00 -11.40
CA ASP B 125 -12.50 -3.99 -12.24
C ASP B 125 -13.30 -4.63 -13.37
N LEU B 126 -13.99 -5.73 -13.14
CA LEU B 126 -14.71 -6.35 -14.25
C LEU B 126 -15.90 -5.50 -14.65
N LYS B 127 -16.14 -5.40 -15.97
CA LYS B 127 -17.23 -4.62 -16.56
C LYS B 127 -17.34 -4.93 -18.04
N PRO B 128 -18.48 -4.63 -18.66
CA PRO B 128 -18.73 -4.98 -20.06
C PRO B 128 -17.62 -4.56 -21.02
N GLN B 129 -17.00 -3.44 -20.75
CA GLN B 129 -15.93 -2.88 -21.59
C GLN B 129 -14.69 -3.79 -21.61
N ASN B 130 -14.48 -4.60 -20.56
CA ASN B 130 -13.35 -5.52 -20.64
C ASN B 130 -13.67 -7.00 -20.87
N LEU B 131 -14.88 -7.26 -21.34
CA LEU B 131 -15.28 -8.55 -21.85
C LEU B 131 -15.25 -8.45 -23.38
N LEU B 132 -14.20 -8.96 -24.01
CA LEU B 132 -14.03 -8.81 -25.48
C LEU B 132 -14.66 -9.99 -26.14
N ILE B 133 -15.17 -9.80 -27.37
CA ILE B 133 -15.80 -10.89 -28.07
C ILE B 133 -15.25 -10.93 -29.49
N ASN B 134 -14.96 -12.14 -29.97
CA ASN B 134 -14.61 -12.35 -31.40
C ASN B 134 -15.81 -12.74 -32.28
N ARG B 135 -15.47 -13.03 -33.53
CA ARG B 135 -16.47 -13.25 -34.57
C ARG B 135 -17.16 -14.61 -34.42
N GLU B 136 -16.53 -15.52 -33.70
CA GLU B 136 -17.14 -16.83 -33.39
C GLU B 136 -17.91 -16.85 -32.03
N GLY B 137 -18.17 -15.66 -31.46
CA GLY B 137 -18.84 -15.54 -30.14
C GLY B 137 -18.08 -16.10 -28.91
N GLU B 138 -16.76 -16.16 -29.03
CA GLU B 138 -15.88 -16.55 -27.94
C GLU B 138 -15.59 -15.28 -27.18
N LEU B 139 -15.76 -15.36 -25.85
CA LEU B 139 -15.52 -14.25 -24.95
C LEU B 139 -14.15 -14.42 -24.26
N LYS B 140 -13.38 -13.31 -24.16
CA LYS B 140 -12.04 -13.30 -23.54
C LYS B 140 -12.00 -12.06 -22.66
N ILE B 141 -11.66 -12.24 -21.37
CA ILE B 141 -11.47 -11.16 -20.38
C ILE B 141 -10.14 -10.45 -20.55
N ALA B 142 -10.21 -9.13 -20.65
CA ALA B 142 -9.05 -8.24 -20.72
C ALA B 142 -8.78 -7.64 -19.37
N ASP B 143 -7.50 -7.36 -19.10
CA ASP B 143 -6.99 -6.62 -17.94
C ASP B 143 -6.88 -7.44 -16.61
N PHE B 144 -7.08 -8.75 -16.67
CA PHE B 144 -6.96 -9.50 -15.41
C PHE B 144 -5.56 -9.26 -14.81
N GLY B 145 -5.46 -9.00 -13.51
CA GLY B 145 -4.16 -8.88 -12.84
C GLY B 145 -3.48 -7.48 -12.88
N LEU B 146 -3.99 -6.57 -13.72
CA LEU B 146 -3.36 -5.26 -13.86
C LEU B 146 -3.58 -4.35 -12.66
N ALA B 147 -4.71 -4.52 -11.98
CA ALA B 147 -5.01 -3.76 -10.78
C ALA B 147 -3.91 -3.96 -9.73
N ARG B 148 -3.52 -5.22 -9.51
CA ARG B 148 -2.36 -5.55 -8.68
C ARG B 148 -1.04 -4.90 -9.16
N ALA B 149 -0.73 -5.09 -10.45
CA ALA B 149 0.45 -4.52 -11.10
C ALA B 149 0.54 -3.00 -10.86
N PHE B 150 -0.45 -2.25 -11.34
CA PHE B 150 -0.55 -0.81 -11.08
C PHE B 150 -1.48 -0.50 -9.90
N LEU B 164 -18.16 2.73 -10.87
CA LEU B 164 -18.65 2.12 -9.63
C LEU B 164 -19.76 1.07 -9.83
N TRP B 165 -20.30 0.96 -11.03
CA TRP B 165 -21.55 0.21 -11.15
C TRP B 165 -21.41 -1.28 -10.79
N TYR B 166 -20.18 -1.82 -10.88
CA TYR B 166 -19.88 -3.27 -10.73
C TYR B 166 -19.13 -3.55 -9.43
N ARG B 167 -19.04 -2.52 -8.55
CA ARG B 167 -18.34 -2.63 -7.26
C ARG B 167 -19.17 -3.16 -6.11
N ALA B 168 -18.59 -4.05 -5.31
CA ALA B 168 -19.30 -4.80 -4.25
C ALA B 168 -19.61 -3.91 -3.06
N PRO B 169 -20.70 -4.18 -2.32
CA PRO B 169 -21.06 -3.33 -1.18
C PRO B 169 -19.96 -3.29 -0.11
N ASP B 170 -19.26 -4.41 0.14
CA ASP B 170 -18.16 -4.38 1.15
C ASP B 170 -16.99 -3.49 0.72
N VAL B 171 -16.73 -3.41 -0.58
CA VAL B 171 -15.69 -2.53 -1.11
C VAL B 171 -16.14 -1.08 -1.01
N LEU B 172 -17.39 -0.81 -1.33
CA LEU B 172 -17.94 0.54 -1.19
C LEU B 172 -17.95 0.94 0.27
N MET B 173 -18.08 -0.01 1.17
CA MET B 173 -18.04 0.38 2.57
C MET B 173 -16.63 0.37 3.18
N GLY B 174 -15.59 0.32 2.35
CA GLY B 174 -14.22 0.40 2.85
C GLY B 174 -13.40 -0.88 3.01
N SER B 175 -13.91 -2.05 2.63
CA SER B 175 -13.09 -3.26 2.76
C SER B 175 -11.82 -3.09 1.98
N LYS B 176 -10.68 -3.46 2.56
CA LYS B 176 -9.42 -3.38 1.78
C LYS B 176 -8.89 -4.75 1.41
N LYS B 177 -9.56 -5.78 1.91
CA LYS B 177 -9.26 -7.18 1.60
C LYS B 177 -9.16 -7.52 0.08
N TYR B 178 -8.08 -8.23 -0.26
CA TYR B 178 -7.83 -8.83 -1.59
C TYR B 178 -8.63 -10.13 -1.62
N SER B 179 -9.77 -10.09 -2.29
CA SER B 179 -10.67 -11.23 -2.24
C SER B 179 -11.25 -11.58 -3.62
N THR B 180 -11.29 -12.89 -3.94
CA THR B 180 -11.96 -13.35 -5.14
C THR B 180 -13.45 -12.94 -5.14
N THR B 181 -14.07 -12.86 -3.94
CA THR B 181 -15.51 -12.50 -3.84
C THR B 181 -15.82 -11.22 -4.62
N ILE B 182 -14.83 -10.35 -4.78
CA ILE B 182 -15.03 -9.09 -5.47
C ILE B 182 -15.49 -9.27 -6.93
N ASP B 183 -14.78 -10.15 -7.64
CA ASP B 183 -15.08 -10.43 -8.99
C ASP B 183 -16.43 -11.06 -9.13
N ILE B 184 -16.84 -11.90 -8.18
CA ILE B 184 -18.13 -12.55 -8.32
C ILE B 184 -19.34 -11.57 -8.27
N TRP B 185 -19.24 -10.54 -7.45
CA TRP B 185 -20.27 -9.47 -7.44
C TRP B 185 -20.40 -8.82 -8.84
N SER B 186 -19.25 -8.49 -9.44
CA SER B 186 -19.25 -7.94 -10.77
C SER B 186 -19.88 -8.92 -11.74
N VAL B 187 -19.59 -10.21 -11.58
CA VAL B 187 -20.23 -11.21 -12.45
C VAL B 187 -21.77 -11.13 -12.34
N GLY B 188 -22.27 -11.11 -11.11
CA GLY B 188 -23.71 -10.96 -10.88
C GLY B 188 -24.31 -9.76 -11.58
N CYS B 189 -23.67 -8.61 -11.41
CA CYS B 189 -24.07 -7.41 -12.08
C CYS B 189 -24.15 -7.52 -13.61
N ILE B 190 -23.13 -8.17 -14.18
CA ILE B 190 -23.01 -8.24 -15.63
C ILE B 190 -24.05 -9.22 -16.14
N PHE B 191 -24.26 -10.30 -15.42
CA PHE B 191 -25.31 -11.30 -15.72
C PHE B 191 -26.70 -10.57 -15.83
N ALA B 192 -27.06 -9.78 -14.80
CA ALA B 192 -28.33 -9.02 -14.83
C ALA B 192 -28.45 -8.10 -16.04
N GLU B 193 -27.37 -7.36 -16.33
CA GLU B 193 -27.26 -6.48 -17.44
C GLU B 193 -27.41 -7.23 -18.79
N MET B 194 -26.84 -8.41 -18.90
CA MET B 194 -27.13 -9.19 -20.09
C MET B 194 -28.62 -9.57 -20.13
N VAL B 195 -29.21 -9.98 -19.01
CA VAL B 195 -30.61 -10.34 -19.11
C VAL B 195 -31.55 -9.14 -19.40
N ASN B 196 -31.33 -8.01 -18.73
CA ASN B 196 -32.24 -6.85 -18.81
C ASN B 196 -31.90 -5.97 -19.98
N GLY B 197 -30.61 -5.78 -20.18
CA GLY B 197 -30.06 -5.03 -21.28
C GLY B 197 -29.62 -3.69 -20.79
N THR B 198 -29.79 -3.46 -19.49
CA THR B 198 -29.35 -2.19 -18.85
C THR B 198 -28.60 -2.47 -17.49
N PRO B 199 -27.69 -1.58 -17.05
CA PRO B 199 -27.02 -1.74 -15.73
C PRO B 199 -28.02 -1.93 -14.59
N LEU B 200 -27.68 -2.82 -13.67
CA LEU B 200 -28.60 -3.09 -12.59
C LEU B 200 -28.52 -1.99 -11.52
N PHE B 201 -27.30 -1.50 -11.27
CA PHE B 201 -27.03 -0.51 -10.23
C PHE B 201 -26.21 0.65 -10.76
N PRO B 202 -26.85 1.56 -11.53
CA PRO B 202 -26.15 2.70 -12.14
C PRO B 202 -25.90 3.89 -11.20
N GLY B 203 -25.07 3.72 -10.17
CA GLY B 203 -24.95 4.78 -9.17
C GLY B 203 -24.07 5.91 -9.68
N VAL B 204 -24.18 7.09 -9.07
CA VAL B 204 -23.43 8.30 -9.54
C VAL B 204 -22.38 8.75 -8.52
N SER B 205 -22.34 8.05 -7.38
CA SER B 205 -21.36 8.27 -6.30
C SER B 205 -21.31 6.99 -5.45
N GLU B 206 -20.34 6.91 -4.55
CA GLU B 206 -20.19 5.75 -3.67
C GLU B 206 -21.41 5.54 -2.76
N ALA B 207 -21.93 6.66 -2.25
CA ALA B 207 -23.10 6.66 -1.40
C ALA B 207 -24.36 6.23 -2.18
N ASP B 208 -24.51 6.77 -3.37
CA ASP B 208 -25.61 6.44 -4.24
C ASP B 208 -25.53 5.00 -4.82
N GLN B 209 -24.31 4.55 -5.15
CA GLN B 209 -24.10 3.12 -5.51
C GLN B 209 -24.63 2.19 -4.42
N LEU B 210 -24.22 2.47 -3.18
CA LEU B 210 -24.63 1.67 -2.05
C LEU B 210 -26.14 1.67 -1.87
N MET B 211 -26.75 2.86 -1.88
CA MET B 211 -28.20 2.96 -1.74
C MET B 211 -28.96 2.24 -2.89
N ARG B 212 -28.48 2.40 -4.12
CA ARG B 212 -29.07 1.67 -5.23
C ARG B 212 -29.05 0.15 -5.02
N ILE B 213 -27.97 -0.39 -4.43
CA ILE B 213 -27.88 -1.81 -4.14
C ILE B 213 -28.90 -2.11 -3.08
N PHE B 214 -28.88 -1.34 -1.97
CA PHE B 214 -29.85 -1.61 -0.88
C PHE B 214 -31.31 -1.46 -1.29
N ARG B 215 -31.61 -0.49 -2.14
CA ARG B 215 -33.03 -0.37 -2.62
C ARG B 215 -33.60 -1.65 -3.30
N ILE B 216 -32.73 -2.57 -3.71
CA ILE B 216 -33.16 -3.70 -4.52
C ILE B 216 -33.02 -4.97 -3.69
N LEU B 217 -31.88 -5.07 -2.99
CA LEU B 217 -31.51 -6.31 -2.32
C LEU B 217 -31.72 -6.27 -0.84
N GLY B 218 -31.93 -5.07 -0.29
CA GLY B 218 -32.26 -4.93 1.12
C GLY B 218 -31.07 -4.43 1.92
N THR B 219 -31.32 -3.70 2.99
CA THR B 219 -30.24 -3.10 3.76
C THR B 219 -29.64 -4.18 4.63
N PRO B 220 -28.29 -4.29 4.67
CA PRO B 220 -27.62 -5.27 5.54
C PRO B 220 -27.94 -5.06 7.02
N ASN B 221 -27.99 -6.15 7.77
CA ASN B 221 -28.04 -6.08 9.23
C ASN B 221 -27.08 -7.12 9.80
N SER B 222 -26.87 -7.13 11.13
CA SER B 222 -25.88 -8.02 11.76
C SER B 222 -26.34 -9.48 11.79
N LYS B 223 -27.56 -9.71 11.35
CA LYS B 223 -28.11 -11.05 11.22
C LYS B 223 -27.73 -11.62 9.84
N ASN B 224 -28.21 -10.97 8.78
CA ASN B 224 -27.98 -11.43 7.41
C ASN B 224 -26.57 -11.15 6.84
N TRP B 225 -25.83 -10.27 7.53
CA TRP B 225 -24.42 -10.03 7.27
C TRP B 225 -23.69 -9.84 8.60
N PRO B 226 -23.36 -10.97 9.25
CA PRO B 226 -22.51 -10.95 10.46
C PRO B 226 -21.17 -10.27 10.17
N ASN B 227 -20.77 -9.36 11.05
CA ASN B 227 -19.50 -8.63 10.88
C ASN B 227 -19.54 -7.47 9.89
N VAL B 228 -20.72 -7.10 9.40
CA VAL B 228 -20.80 -5.87 8.60
C VAL B 228 -20.36 -4.62 9.40
N THR B 229 -20.64 -4.66 10.71
CA THR B 229 -20.31 -3.57 11.65
C THR B 229 -18.79 -3.26 11.77
N GLU B 230 -17.95 -4.16 11.27
CA GLU B 230 -16.51 -3.96 11.33
C GLU B 230 -16.01 -3.09 10.19
N LEU B 231 -16.80 -2.99 9.12
CA LEU B 231 -16.39 -2.18 7.96
C LEU B 231 -16.35 -0.68 8.33
N PRO B 232 -15.31 0.03 7.87
CA PRO B 232 -15.10 1.46 8.18
C PRO B 232 -16.30 2.32 7.97
N LYS B 233 -17.01 2.12 6.87
CA LYS B 233 -18.01 3.09 6.45
C LYS B 233 -19.40 2.54 6.70
N TYR B 234 -19.46 1.54 7.59
CA TYR B 234 -20.75 0.98 7.95
C TYR B 234 -21.49 1.96 8.84
N ASP B 235 -22.79 2.10 8.57
CA ASP B 235 -23.68 3.04 9.27
C ASP B 235 -24.86 2.28 9.86
N PRO B 236 -24.93 2.20 11.20
CA PRO B 236 -26.02 1.47 11.88
C PRO B 236 -27.34 2.24 11.71
N ASN B 237 -27.22 3.43 11.15
CA ASN B 237 -28.38 4.27 10.89
C ASN B 237 -28.79 4.32 9.40
N PHE B 238 -28.16 3.48 8.56
CA PHE B 238 -28.62 3.30 7.16
C PHE B 238 -30.16 3.17 7.11
N THR B 239 -30.77 3.81 6.11
CA THR B 239 -32.17 3.61 5.83
C THR B 239 -32.38 2.13 5.57
N VAL B 240 -33.42 1.56 6.16
CA VAL B 240 -33.74 0.14 6.09
C VAL B 240 -34.72 -0.14 4.95
N TYR B 241 -34.22 -0.77 3.87
CA TYR B 241 -35.06 -1.22 2.77
C TYR B 241 -35.31 -2.75 2.84
N GLU B 242 -36.52 -3.17 2.44
CA GLU B 242 -36.90 -4.60 2.28
C GLU B 242 -36.32 -5.18 0.96
N PRO B 243 -35.78 -6.40 0.97
CA PRO B 243 -35.41 -7.04 -0.31
C PRO B 243 -36.61 -7.07 -1.26
N LEU B 244 -36.39 -6.77 -2.54
CA LEU B 244 -37.38 -7.02 -3.56
C LEU B 244 -37.27 -8.47 -4.12
N PRO B 245 -38.41 -9.03 -4.56
CA PRO B 245 -38.42 -10.29 -5.35
C PRO B 245 -37.53 -10.29 -6.62
N TRP B 246 -36.60 -11.21 -6.67
CA TRP B 246 -35.73 -11.43 -7.84
C TRP B 246 -36.49 -11.31 -9.16
N GLU B 247 -37.58 -12.07 -9.28
CA GLU B 247 -38.43 -12.00 -10.49
C GLU B 247 -38.71 -10.55 -10.96
N SER B 248 -38.89 -9.61 -10.02
CA SER B 248 -39.34 -8.27 -10.40
C SER B 248 -38.31 -7.47 -11.21
N PHE B 249 -37.03 -7.57 -10.86
CA PHE B 249 -36.02 -6.78 -11.59
C PHE B 249 -35.19 -7.58 -12.63
N LEU B 250 -35.62 -8.78 -12.96
CA LEU B 250 -34.88 -9.61 -13.90
C LEU B 250 -35.92 -10.35 -14.76
N LYS B 251 -36.76 -9.58 -15.45
CA LYS B 251 -37.87 -10.15 -16.19
C LYS B 251 -37.35 -11.05 -17.29
N GLY B 252 -37.97 -12.21 -17.42
CA GLY B 252 -37.57 -13.16 -18.44
C GLY B 252 -36.80 -14.36 -17.91
N LEU B 253 -35.91 -14.10 -16.96
CA LEU B 253 -34.91 -15.09 -16.53
C LEU B 253 -35.55 -16.31 -15.86
N ASP B 254 -35.25 -17.52 -16.34
CA ASP B 254 -35.83 -18.75 -15.78
C ASP B 254 -35.39 -18.98 -14.34
N GLU B 255 -35.98 -19.97 -13.68
CA GLU B 255 -35.80 -20.14 -12.24
C GLU B 255 -34.38 -20.52 -11.83
N SER B 256 -33.69 -21.28 -12.68
CA SER B 256 -32.35 -21.72 -12.33
C SER B 256 -31.32 -20.56 -12.47
N GLY B 257 -31.57 -19.64 -13.39
CA GLY B 257 -30.70 -18.51 -13.60
C GLY B 257 -30.93 -17.56 -12.44
N ILE B 258 -32.19 -17.40 -12.05
CA ILE B 258 -32.48 -16.54 -10.92
C ILE B 258 -31.73 -17.08 -9.70
N ASP B 259 -31.76 -18.40 -9.54
CA ASP B 259 -31.09 -19.03 -8.41
C ASP B 259 -29.58 -18.71 -8.40
N LEU B 260 -28.92 -18.90 -9.56
CA LEU B 260 -27.49 -18.61 -9.70
C LEU B 260 -27.24 -17.13 -9.41
N LEU B 261 -28.01 -16.27 -10.07
CA LEU B 261 -27.84 -14.82 -9.91
C LEU B 261 -27.94 -14.44 -8.43
N SER B 262 -28.92 -15.02 -7.71
CA SER B 262 -29.10 -14.68 -6.29
C SER B 262 -27.91 -15.04 -5.39
N LYS B 263 -27.13 -16.01 -5.82
CA LYS B 263 -26.04 -16.50 -5.00
C LYS B 263 -24.83 -15.70 -5.33
N MET B 264 -24.83 -15.05 -6.49
CA MET B 264 -23.74 -14.17 -6.86
C MET B 264 -23.92 -12.81 -6.22
N LEU B 265 -25.19 -12.38 -6.04
CA LEU B 265 -25.49 -11.07 -5.45
C LEU B 265 -25.86 -11.14 -3.95
N LYS B 266 -25.12 -11.96 -3.22
CA LYS B 266 -25.15 -12.03 -1.79
C LYS B 266 -24.30 -10.83 -1.38
N LEU B 267 -24.84 -10.00 -0.50
CA LEU B 267 -24.12 -8.79 -0.05
C LEU B 267 -22.91 -9.09 0.83
N ASP B 268 -23.08 -10.03 1.76
CA ASP B 268 -22.02 -10.64 2.58
C ASP B 268 -21.10 -11.44 1.63
N PRO B 269 -19.84 -11.02 1.49
CA PRO B 269 -18.89 -11.72 0.59
C PRO B 269 -18.75 -13.18 1.01
N ASN B 270 -18.82 -13.50 2.31
CA ASN B 270 -18.71 -14.89 2.77
C ASN B 270 -19.89 -15.81 2.43
N GLN B 271 -21.05 -15.25 2.05
CA GLN B 271 -22.15 -16.09 1.55
C GLN B 271 -22.22 -16.23 0.04
N ARG B 272 -21.41 -15.46 -0.68
CA ARG B 272 -21.42 -15.49 -2.15
C ARG B 272 -20.84 -16.82 -2.76
N ILE B 273 -21.40 -17.25 -3.88
CA ILE B 273 -20.96 -18.45 -4.56
C ILE B 273 -19.53 -18.10 -5.06
N THR B 274 -18.65 -19.09 -5.18
CA THR B 274 -17.37 -18.90 -5.88
C THR B 274 -17.55 -19.16 -7.39
N ALA B 275 -16.55 -18.87 -8.23
CA ALA B 275 -16.61 -19.21 -9.65
C ALA B 275 -16.69 -20.74 -9.90
N LYS B 276 -15.90 -21.54 -9.16
CA LYS B 276 -15.94 -22.99 -9.23
C LYS B 276 -17.34 -23.50 -8.98
N GLN B 277 -17.98 -23.01 -7.93
CA GLN B 277 -19.29 -23.55 -7.59
C GLN B 277 -20.31 -23.07 -8.59
N ALA B 278 -20.15 -21.84 -9.11
CA ALA B 278 -21.08 -21.34 -10.15
C ALA B 278 -21.04 -22.18 -11.43
N LEU B 279 -19.85 -22.62 -11.86
CA LEU B 279 -19.73 -23.51 -13.03
C LEU B 279 -20.45 -24.86 -12.89
N GLU B 280 -20.64 -25.31 -11.65
CA GLU B 280 -21.28 -26.57 -11.36
C GLU B 280 -22.78 -26.42 -11.25
N HIS B 281 -23.28 -25.21 -11.49
CA HIS B 281 -24.67 -24.91 -11.28
C HIS B 281 -25.62 -25.47 -12.35
N ALA B 282 -26.84 -25.76 -11.92
CA ALA B 282 -27.85 -26.41 -12.76
C ALA B 282 -28.10 -25.60 -14.04
N TYR B 283 -28.09 -24.27 -13.91
CA TYR B 283 -28.26 -23.30 -15.02
C TYR B 283 -27.48 -23.67 -16.28
N PHE B 284 -26.25 -24.15 -16.10
CA PHE B 284 -25.42 -24.50 -17.23
C PHE B 284 -25.71 -25.92 -17.82
N LYS B 285 -26.66 -26.63 -17.23
CA LYS B 285 -27.03 -27.98 -17.68
C LYS B 285 -28.30 -28.07 -18.55
N GLU B 286 -29.29 -27.19 -18.31
CA GLU B 286 -30.62 -27.28 -18.97
C GLU B 286 -30.86 -26.07 -19.85
#